data_4WEA
#
_entry.id   4WEA
#
_cell.length_a   100.733
_cell.length_b   100.733
_cell.length_c   382.613
_cell.angle_alpha   90.00
_cell.angle_beta   90.00
_cell.angle_gamma   120.00
#
_symmetry.space_group_name_H-M   'H 3 2'
#
loop_
_entity.id
_entity.type
_entity.pdbx_description
1 polymer Hemagglutinin
2 branched 2-acetamido-2-deoxy-beta-D-glucopyranose-(1-4)-2-acetamido-2-deoxy-beta-D-glucopyranose
3 non-polymer 2-acetamido-2-deoxy-beta-D-glucopyranose
4 non-polymer 'N-acetyl-alpha-neuraminic acid'
5 water water
#
_entity_poly.entity_id   1
_entity_poly.type   'polypeptide(L)'
_entity_poly.pdbx_seq_one_letter_code
;ADLGSQKLPGNDNSTATLCLGHHAVPNGTIVKTITNDQIEVTNATELVQNSSIGEICDSPHQILDGENCTLIDALLGDPQ
CDGFQNKKWDLFVERSKAYSNCYPYDVPDYASLRSLVASSGTLEFNNESFNWTGVTQNGTSSACIRRSNNSFFSRLNWLT
HLNFKYPALNVTMPNNEQFDKLYIWGVHHPGTDKDQIFLYAQSSGRITVSTKRSQQAVIPNIGSRPRIRNIPSRISIYWT
IVKPGDILLINSTGNLIAPRGYFKIRSGKSSIMRSDAPIGKCNSECITPNGSIPNDKPFQNVNRITYGACPRYVKQSTLK
LATGMRNVPEKQTRGIFGAIAGFIENGWEGMVDGWYGFRHQNSEGRGQAADLKSTQAAIDQINGKLNRLIGKTNEKFHQI
EKEFSEVEGRIQDLEKYVEDTKIDLWSYNAELLVALENQHTIDLTDSEMNKLFEKTKKQLRENAEDMGNGCFKIYHKCDN
ACIGSIRNGTYDHDVYRDEALNNRFQIKSGRLVPR
;
_entity_poly.pdbx_strand_id   A
#
loop_
_chem_comp.id
_chem_comp.type
_chem_comp.name
_chem_comp.formula
NAG D-saccharide, beta linking 2-acetamido-2-deoxy-beta-D-glucopyranose 'C8 H15 N O6'
SIA D-saccharide, alpha linking 'N-acetyl-alpha-neuraminic acid' 'C11 H19 N O9'
#
# COMPACT_ATOMS: atom_id res chain seq x y z
N ASN A 13 35.24 -48.54 -25.08
CA ASN A 13 36.15 -47.77 -25.92
C ASN A 13 35.79 -47.85 -27.42
N SER A 14 34.99 -48.84 -27.77
CA SER A 14 34.30 -48.86 -29.06
C SER A 14 32.89 -48.34 -28.82
N THR A 15 32.73 -47.64 -27.69
CA THR A 15 31.46 -47.05 -27.30
C THR A 15 31.74 -45.65 -26.79
N ALA A 16 30.67 -44.92 -26.50
CA ALA A 16 30.75 -43.62 -25.84
C ALA A 16 29.67 -43.57 -24.75
N THR A 17 29.78 -42.59 -23.87
CA THR A 17 28.76 -42.33 -22.85
C THR A 17 28.27 -40.90 -22.99
N LEU A 18 26.95 -40.72 -22.97
CA LEU A 18 26.36 -39.39 -23.01
C LEU A 18 25.40 -39.21 -21.84
N CYS A 19 25.72 -38.30 -20.94
CA CYS A 19 24.91 -38.12 -19.73
C CYS A 19 24.15 -36.79 -19.77
N LEU A 20 22.85 -36.87 -19.51
CA LEU A 20 21.97 -35.70 -19.39
C LEU A 20 21.95 -35.23 -17.94
N GLY A 21 21.92 -33.93 -17.72
CA GLY A 21 22.01 -33.41 -16.36
C GLY A 21 21.52 -31.99 -16.21
N HIS A 22 21.56 -31.47 -14.99
CA HIS A 22 21.08 -30.13 -14.72
C HIS A 22 22.08 -29.49 -13.78
N HIS A 23 22.08 -28.16 -13.68
CA HIS A 23 23.03 -27.52 -12.78
C HIS A 23 22.62 -27.68 -11.31
N ALA A 24 23.50 -27.22 -10.43
CA ALA A 24 23.25 -27.09 -8.99
C ALA A 24 24.15 -25.96 -8.51
N VAL A 25 23.85 -25.38 -7.35
CA VAL A 25 24.64 -24.29 -6.80
C VAL A 25 25.13 -24.70 -5.41
N PRO A 26 26.21 -24.06 -4.92
CA PRO A 26 26.67 -24.32 -3.55
C PRO A 26 25.81 -23.60 -2.52
N ASN A 27 25.19 -22.49 -2.92
CA ASN A 27 24.36 -21.70 -2.00
C ASN A 27 22.85 -21.76 -2.28
N GLY A 28 22.21 -22.88 -1.95
CA GLY A 28 20.78 -23.03 -2.18
C GLY A 28 19.89 -22.23 -1.23
N THR A 29 18.60 -22.11 -1.55
CA THR A 29 17.64 -21.42 -0.68
C THR A 29 16.45 -22.32 -0.36
N ILE A 30 15.99 -22.28 0.90
CA ILE A 30 14.88 -23.10 1.36
C ILE A 30 13.57 -22.41 1.03
N VAL A 31 12.66 -23.13 0.37
CA VAL A 31 11.33 -22.61 0.09
C VAL A 31 10.26 -23.61 0.57
N LYS A 32 9.01 -23.14 0.66
CA LYS A 32 7.85 -23.98 0.98
C LYS A 32 7.10 -24.41 -0.27
N THR A 33 6.57 -25.64 -0.27
CA THR A 33 5.69 -26.08 -1.33
C THR A 33 4.45 -26.69 -0.69
N ILE A 34 3.52 -27.13 -1.52
CA ILE A 34 2.33 -27.85 -1.10
C ILE A 34 2.62 -29.12 -0.29
N THR A 35 3.68 -29.82 -0.66
CA THR A 35 3.94 -31.12 -0.03
C THR A 35 5.12 -31.08 0.91
N ASN A 36 5.84 -29.98 0.94
CA ASN A 36 7.06 -29.96 1.73
C ASN A 36 7.32 -28.60 2.34
N ASP A 37 7.54 -28.59 3.65
CA ASP A 37 7.70 -27.33 4.39
C ASP A 37 9.05 -26.69 4.09
N GLN A 38 10.04 -27.51 3.76
CA GLN A 38 11.40 -27.02 3.58
C GLN A 38 12.10 -27.78 2.47
N ILE A 39 12.16 -27.19 1.28
CA ILE A 39 12.85 -27.82 0.17
C ILE A 39 13.79 -26.80 -0.47
N GLU A 40 14.99 -27.25 -0.79
CA GLU A 40 16.01 -26.35 -1.30
C GLU A 40 15.96 -26.19 -2.82
N VAL A 41 15.90 -24.93 -3.28
CA VAL A 41 15.95 -24.65 -4.71
C VAL A 41 17.23 -23.87 -5.03
N THR A 42 17.60 -23.78 -6.31
CA THR A 42 18.86 -23.09 -6.64
C THR A 42 18.81 -21.57 -6.40
N ASN A 43 17.61 -21.00 -6.44
CA ASN A 43 17.46 -19.55 -6.35
C ASN A 43 16.00 -19.24 -5.98
N ALA A 44 15.79 -18.13 -5.29
CA ALA A 44 14.44 -17.70 -4.93
C ALA A 44 14.41 -16.18 -4.83
N THR A 45 13.21 -15.62 -4.83
CA THR A 45 13.06 -14.19 -4.66
C THR A 45 12.04 -13.87 -3.56
N GLU A 46 12.31 -12.82 -2.77
CA GLU A 46 11.45 -12.44 -1.65
C GLU A 46 10.22 -11.68 -2.11
N LEU A 47 9.05 -12.11 -1.67
CA LEU A 47 7.80 -11.48 -2.08
C LEU A 47 7.22 -10.51 -1.04
N VAL A 48 7.76 -10.54 0.18
CA VAL A 48 7.28 -9.62 1.21
C VAL A 48 8.28 -8.48 1.47
N GLN A 49 7.85 -7.24 1.22
CA GLN A 49 8.68 -6.06 1.53
C GLN A 49 8.65 -5.85 3.05
N ASN A 50 9.82 -5.86 3.68
CA ASN A 50 9.86 -5.85 5.13
C ASN A 50 10.56 -4.62 5.74
N SER A 51 10.96 -3.68 4.88
CA SER A 51 11.72 -2.53 5.34
C SER A 51 11.26 -1.24 4.69
N SER A 52 11.47 -0.15 5.41
CA SER A 52 11.24 1.19 4.90
C SER A 52 12.56 1.95 4.94
N ILE A 53 12.67 2.98 4.10
CA ILE A 53 13.86 3.85 4.12
C ILE A 53 13.73 4.97 5.18
N GLY A 54 12.62 4.96 5.91
CA GLY A 54 12.48 5.82 7.08
C GLY A 54 11.99 7.24 6.80
N GLU A 55 11.94 7.61 5.53
CA GLU A 55 11.44 8.93 5.15
C GLU A 55 10.20 8.81 4.26
N ILE A 56 9.33 9.80 4.36
CA ILE A 56 8.23 9.93 3.41
C ILE A 56 8.69 10.80 2.25
N CYS A 57 8.83 10.20 1.06
CA CYS A 57 9.26 10.91 -0.15
C CYS A 57 8.23 11.94 -0.63
N ASP A 58 8.69 13.15 -0.93
CA ASP A 58 7.78 14.23 -1.31
C ASP A 58 7.26 14.13 -2.75
N SER A 59 7.66 13.07 -3.45
CA SER A 59 7.28 12.81 -4.83
C SER A 59 6.84 11.35 -4.97
N PRO A 60 5.87 11.06 -5.85
CA PRO A 60 5.19 11.98 -6.76
C PRO A 60 3.86 12.47 -6.22
N HIS A 61 3.61 12.29 -4.93
CA HIS A 61 2.36 12.76 -4.36
C HIS A 61 2.58 14.08 -3.69
N GLN A 62 1.61 14.98 -3.81
CA GLN A 62 1.72 16.28 -3.17
C GLN A 62 1.58 16.10 -1.66
N ILE A 63 2.70 16.22 -0.95
CA ILE A 63 2.71 16.04 0.50
C ILE A 63 2.48 17.36 1.24
N LEU A 64 1.64 17.33 2.27
CA LEU A 64 1.47 18.48 3.15
C LEU A 64 1.79 18.10 4.60
N ASP A 65 2.96 18.52 5.07
CA ASP A 65 3.37 18.29 6.46
C ASP A 65 2.59 19.22 7.37
N GLY A 66 1.73 18.64 8.21
CA GLY A 66 0.96 19.43 9.16
C GLY A 66 1.85 20.10 10.19
N GLU A 67 3.00 19.49 10.45
CA GLU A 67 3.95 19.99 11.45
C GLU A 67 3.29 20.15 12.83
N ASN A 68 3.13 21.39 13.29
CA ASN A 68 2.50 21.65 14.58
C ASN A 68 0.96 21.60 14.57
N CYS A 69 0.37 21.50 13.39
CA CYS A 69 -1.08 21.62 13.26
C CYS A 69 -1.76 20.33 12.82
N THR A 70 -2.95 20.09 13.35
CA THR A 70 -3.83 19.05 12.84
C THR A 70 -4.61 19.64 11.68
N LEU A 71 -5.15 18.78 10.82
CA LEU A 71 -6.00 19.23 9.73
C LEU A 71 -7.12 20.17 10.20
N ILE A 72 -7.83 19.80 11.26
CA ILE A 72 -8.95 20.60 11.76
C ILE A 72 -8.50 22.01 12.13
N ASP A 73 -7.34 22.13 12.77
CA ASP A 73 -6.81 23.42 13.18
C ASP A 73 -6.46 24.32 11.99
N ALA A 74 -5.90 23.73 10.94
CA ALA A 74 -5.62 24.46 9.72
C ALA A 74 -6.93 24.89 9.05
N LEU A 75 -7.93 24.03 9.17
CA LEU A 75 -9.28 24.31 8.67
C LEU A 75 -9.93 25.49 9.41
N LEU A 76 -9.86 25.47 10.74
CA LEU A 76 -10.46 26.54 11.56
C LEU A 76 -9.73 27.86 11.43
N GLY A 77 -8.40 27.79 11.38
CA GLY A 77 -7.60 29.00 11.27
C GLY A 77 -6.89 29.40 12.54
N ASP A 78 -6.38 28.40 13.27
CA ASP A 78 -5.50 28.63 14.41
C ASP A 78 -4.26 29.35 13.90
N PRO A 79 -3.97 30.56 14.42
CA PRO A 79 -2.86 31.44 14.00
C PRO A 79 -1.58 30.71 13.60
N GLN A 80 -1.29 29.63 14.32
CA GLN A 80 -0.15 28.77 14.07
C GLN A 80 -0.20 28.15 12.67
N CYS A 81 -1.40 28.14 12.08
CA CYS A 81 -1.66 27.41 10.85
C CYS A 81 -2.06 28.34 9.69
N ASP A 82 -1.79 29.64 9.85
CA ASP A 82 -2.07 30.64 8.82
C ASP A 82 -1.39 30.33 7.48
N GLY A 83 -0.23 29.69 7.52
CA GLY A 83 0.52 29.40 6.31
C GLY A 83 -0.12 28.32 5.47
N PHE A 84 -1.19 27.71 5.99
CA PHE A 84 -1.87 26.59 5.33
C PHE A 84 -3.11 27.04 4.54
N GLN A 85 -3.46 28.32 4.64
CA GLN A 85 -4.65 28.84 3.96
C GLN A 85 -4.68 28.50 2.47
N ASN A 86 -5.77 27.83 2.07
CA ASN A 86 -6.06 27.51 0.68
C ASN A 86 -5.14 26.47 0.02
N LYS A 87 -4.39 25.74 0.85
CA LYS A 87 -3.51 24.69 0.36
C LYS A 87 -4.27 23.47 -0.15
N LYS A 88 -3.64 22.73 -1.06
CA LYS A 88 -4.15 21.46 -1.53
C LYS A 88 -3.15 20.36 -1.15
N TRP A 89 -3.59 19.11 -1.21
CA TRP A 89 -2.71 17.97 -0.94
C TRP A 89 -3.27 16.69 -1.53
N ASP A 90 -2.36 15.78 -1.87
CA ASP A 90 -2.71 14.40 -2.09
C ASP A 90 -2.75 13.69 -0.73
N LEU A 91 -1.72 13.89 0.10
CA LEU A 91 -1.66 13.30 1.44
C LEU A 91 -1.27 14.32 2.49
N PHE A 92 -2.19 14.57 3.43
CA PHE A 92 -1.90 15.41 4.59
C PHE A 92 -1.26 14.53 5.67
N VAL A 93 -0.14 14.97 6.24
CA VAL A 93 0.59 14.20 7.26
C VAL A 93 0.52 14.85 8.65
N GLU A 94 -0.18 14.21 9.58
CA GLU A 94 -0.29 14.74 10.96
C GLU A 94 0.79 14.18 11.86
N ARG A 95 1.51 15.10 12.50
CA ARG A 95 2.54 14.78 13.47
C ARG A 95 1.92 14.59 14.85
N SER A 96 2.52 13.75 15.69
CA SER A 96 2.00 13.54 17.04
C SER A 96 2.34 14.68 18.01
N LYS A 97 3.33 15.49 17.64
CA LYS A 97 3.76 16.63 18.46
C LYS A 97 2.79 17.79 18.29
N ALA A 98 1.84 17.63 17.38
CA ALA A 98 0.87 18.68 17.08
C ALA A 98 0.06 19.04 18.31
N TYR A 99 -0.38 20.29 18.37
CA TYR A 99 -1.16 20.79 19.49
C TYR A 99 -1.92 22.05 19.05
N SER A 100 -3.09 22.28 19.65
CA SER A 100 -3.88 23.46 19.33
C SER A 100 -3.53 24.61 20.25
N ASN A 101 -3.40 25.82 19.71
CA ASN A 101 -3.05 26.98 20.52
C ASN A 101 -3.96 28.16 20.24
N CYS A 102 -5.25 27.94 20.44
CA CYS A 102 -6.26 28.96 20.24
C CYS A 102 -7.40 28.65 21.20
N TYR A 103 -8.60 29.06 20.84
CA TYR A 103 -9.76 28.82 21.70
C TYR A 103 -10.08 27.33 21.76
N PRO A 104 -10.25 26.79 22.97
CA PRO A 104 -10.60 25.38 23.20
C PRO A 104 -11.88 25.04 22.48
N TYR A 105 -11.87 23.95 21.72
CA TYR A 105 -13.02 23.51 20.98
C TYR A 105 -13.10 21.99 20.97
N ASP A 106 -14.30 21.48 20.78
CA ASP A 106 -14.50 20.07 20.46
C ASP A 106 -15.27 19.97 19.14
N VAL A 107 -15.23 18.80 18.52
CA VAL A 107 -16.07 18.53 17.35
C VAL A 107 -16.80 17.20 17.59
N PRO A 108 -18.12 17.25 17.68
CA PRO A 108 -18.91 16.00 17.70
C PRO A 108 -18.68 15.29 16.38
N ASP A 109 -18.40 13.99 16.39
CA ASP A 109 -18.08 13.27 15.16
C ASP A 109 -16.92 14.01 14.47
N TYR A 110 -15.89 14.31 15.27
CA TYR A 110 -14.62 14.85 14.83
C TYR A 110 -14.05 14.03 13.67
N ALA A 111 -14.03 12.71 13.85
CA ALA A 111 -13.41 11.82 12.87
C ALA A 111 -14.02 11.93 11.47
N SER A 112 -15.33 12.14 11.40
CA SER A 112 -16.02 12.27 10.11
C SER A 112 -15.66 13.58 9.38
N LEU A 113 -15.57 14.67 10.14
CA LEU A 113 -15.17 15.96 9.59
C LEU A 113 -13.72 15.92 9.10
N ARG A 114 -12.82 15.41 9.94
CA ARG A 114 -11.42 15.19 9.57
C ARG A 114 -11.35 14.36 8.27
N SER A 115 -12.15 13.31 8.20
CA SER A 115 -12.16 12.43 7.04
C SER A 115 -12.63 13.11 5.75
N LEU A 116 -13.78 13.77 5.80
CA LEU A 116 -14.34 14.37 4.59
C LEU A 116 -13.46 15.50 4.06
N VAL A 117 -12.81 16.25 4.97
CA VAL A 117 -11.87 17.29 4.55
C VAL A 117 -10.62 16.64 3.92
N ALA A 118 -10.02 15.69 4.65
CA ALA A 118 -8.88 14.92 4.13
C ALA A 118 -9.13 14.38 2.72
N SER A 119 -10.29 13.77 2.55
CA SER A 119 -10.66 13.15 1.28
C SER A 119 -10.91 14.21 0.19
N SER A 120 -11.37 15.39 0.60
CA SER A 120 -11.57 16.50 -0.32
C SER A 120 -10.24 17.04 -0.85
N GLY A 121 -9.26 17.16 0.03
CA GLY A 121 -7.90 17.47 -0.38
C GLY A 121 -7.58 18.92 -0.67
N THR A 122 -8.45 19.83 -0.22
CA THR A 122 -8.21 21.25 -0.42
C THR A 122 -8.70 22.10 0.76
N LEU A 123 -8.00 23.20 1.02
CA LEU A 123 -8.42 24.17 2.03
C LEU A 123 -8.89 25.47 1.37
N GLU A 124 -9.22 25.37 0.08
CA GLU A 124 -9.71 26.53 -0.68
C GLU A 124 -10.89 27.15 0.02
N PHE A 125 -10.76 28.44 0.37
CA PHE A 125 -11.80 29.15 1.08
C PHE A 125 -12.22 30.42 0.34
N ASN A 126 -13.52 30.56 0.14
CA ASN A 126 -14.07 31.80 -0.38
C ASN A 126 -14.82 32.57 0.71
N ASN A 127 -14.54 33.86 0.81
CA ASN A 127 -15.24 34.72 1.77
C ASN A 127 -16.62 35.13 1.26
N GLU A 128 -17.60 35.13 2.16
CA GLU A 128 -18.96 35.51 1.80
C GLU A 128 -19.47 36.65 2.69
N SER A 129 -20.12 37.64 2.07
CA SER A 129 -20.63 38.82 2.76
C SER A 129 -21.97 38.55 3.42
N PHE A 130 -21.93 38.03 4.65
CA PHE A 130 -23.15 37.81 5.41
C PHE A 130 -23.67 39.11 6.00
N ASN A 131 -24.99 39.25 6.06
CA ASN A 131 -25.62 40.44 6.62
C ASN A 131 -25.78 40.32 8.13
N TRP A 132 -24.75 40.70 8.87
CA TRP A 132 -24.81 40.69 10.32
C TRP A 132 -25.15 42.09 10.84
N THR A 133 -26.38 42.53 10.62
CA THR A 133 -26.83 43.80 11.18
C THR A 133 -27.49 43.61 12.55
N GLY A 134 -27.07 44.42 13.52
CA GLY A 134 -27.61 44.35 14.87
C GLY A 134 -26.64 43.74 15.88
N VAL A 135 -25.48 43.31 15.39
CA VAL A 135 -24.49 42.62 16.22
C VAL A 135 -23.06 43.17 16.06
N THR A 136 -22.23 42.94 17.06
CA THR A 136 -20.80 43.22 16.97
C THR A 136 -20.09 42.02 16.32
N GLN A 137 -19.15 42.29 15.42
CA GLN A 137 -18.41 41.23 14.73
C GLN A 137 -16.95 41.16 15.21
N ASN A 138 -16.23 40.15 14.72
CA ASN A 138 -14.80 39.99 14.99
C ASN A 138 -14.44 39.85 16.46
N GLY A 139 -15.24 39.10 17.21
CA GLY A 139 -14.93 38.81 18.61
C GLY A 139 -13.53 38.25 18.73
N THR A 140 -12.88 38.53 19.85
CA THR A 140 -11.46 38.23 19.98
C THR A 140 -11.14 37.71 21.39
N SER A 141 -10.02 37.03 21.58
CA SER A 141 -9.69 36.42 22.88
C SER A 141 -8.19 36.31 23.21
N SER A 142 -7.92 36.11 24.50
CA SER A 142 -6.54 36.06 25.02
C SER A 142 -5.90 34.68 24.86
N ALA A 143 -6.70 33.66 24.58
CA ALA A 143 -6.20 32.29 24.42
C ALA A 143 -5.81 32.04 22.98
N CYS A 144 -6.22 32.93 22.10
CA CYS A 144 -5.92 32.81 20.68
C CYS A 144 -5.16 34.05 20.20
N ILE A 145 -3.86 34.08 20.47
CA ILE A 145 -3.02 35.19 20.05
C ILE A 145 -2.42 34.97 18.67
N ARG A 146 -2.67 35.92 17.79
CA ARG A 146 -2.00 35.93 16.52
C ARG A 146 -0.72 36.77 16.65
N ARG A 147 -0.58 37.76 15.79
CA ARG A 147 0.58 38.63 15.73
C ARG A 147 0.77 39.42 17.03
N SER A 148 1.01 38.71 18.12
CA SER A 148 1.17 39.27 19.46
C SER A 148 -0.12 39.93 20.01
N ASN A 149 -1.13 40.01 19.16
CA ASN A 149 -2.43 40.61 19.51
C ASN A 149 -3.53 39.54 19.72
N ASN A 150 -4.47 39.82 20.63
CA ASN A 150 -5.62 38.91 20.85
C ASN A 150 -6.37 38.71 19.53
N SER A 151 -6.56 37.45 19.13
CA SER A 151 -7.26 37.14 17.87
C SER A 151 -8.20 35.96 18.00
N PHE A 152 -8.55 35.35 16.88
CA PHE A 152 -9.52 34.27 16.85
C PHE A 152 -9.29 33.39 15.61
N PHE A 153 -10.09 32.34 15.47
CA PHE A 153 -10.03 31.48 14.30
C PHE A 153 -10.27 32.31 13.03
N SER A 154 -9.30 32.27 12.12
CA SER A 154 -9.33 33.10 10.92
C SER A 154 -10.57 32.87 10.06
N ARG A 155 -11.12 31.65 10.13
CA ARG A 155 -12.26 31.29 9.29
C ARG A 155 -13.60 31.45 9.99
N LEU A 156 -13.56 31.78 11.28
CA LEU A 156 -14.78 31.93 12.07
C LEU A 156 -15.00 33.38 12.49
N ASN A 157 -16.27 33.75 12.69
CA ASN A 157 -16.63 35.12 13.05
C ASN A 157 -17.40 35.11 14.38
N TRP A 158 -16.74 35.57 15.44
CA TRP A 158 -17.34 35.56 16.76
C TRP A 158 -18.24 36.78 16.95
N LEU A 159 -19.55 36.53 16.95
CA LEU A 159 -20.52 37.60 17.11
C LEU A 159 -20.82 37.87 18.58
N THR A 160 -20.92 39.16 18.93
CA THR A 160 -21.29 39.60 20.27
C THR A 160 -22.34 40.71 20.20
N HIS A 161 -22.90 41.08 21.34
CA HIS A 161 -23.92 42.12 21.38
C HIS A 161 -23.37 43.45 20.85
N LEU A 162 -24.27 44.29 20.34
CA LEU A 162 -23.91 45.65 19.96
C LEU A 162 -24.79 46.59 20.74
N ASN A 163 -24.18 47.46 21.54
CA ASN A 163 -24.92 48.36 22.44
C ASN A 163 -25.89 47.61 23.37
N PHE A 164 -25.41 46.48 23.90
CA PHE A 164 -26.11 45.72 24.94
C PHE A 164 -27.38 45.02 24.45
N LYS A 165 -27.57 45.01 23.14
CA LYS A 165 -28.67 44.25 22.56
C LYS A 165 -28.17 43.19 21.58
N TYR A 166 -29.03 42.22 21.32
CA TYR A 166 -28.69 41.16 20.40
C TYR A 166 -29.97 40.57 19.83
N PRO A 167 -30.44 41.13 18.71
CA PRO A 167 -31.74 40.77 18.14
C PRO A 167 -31.72 39.36 17.55
N ALA A 168 -32.88 38.85 17.16
CA ALA A 168 -32.96 37.58 16.45
C ALA A 168 -32.28 37.74 15.10
N LEU A 169 -31.66 36.68 14.62
CA LEU A 169 -31.01 36.70 13.32
C LEU A 169 -31.72 35.74 12.40
N ASN A 170 -31.72 36.08 11.12
CA ASN A 170 -32.46 35.31 10.14
C ASN A 170 -31.85 35.60 8.78
N VAL A 171 -30.58 35.20 8.69
CA VAL A 171 -29.69 35.47 7.56
C VAL A 171 -29.63 34.27 6.62
N THR A 172 -29.69 34.53 5.33
CA THR A 172 -29.62 33.47 4.35
C THR A 172 -28.44 33.68 3.42
N MET A 173 -27.89 32.56 2.95
CA MET A 173 -26.88 32.56 1.89
C MET A 173 -27.18 31.40 0.96
N PRO A 174 -27.49 31.71 -0.31
CA PRO A 174 -27.85 30.67 -1.29
C PRO A 174 -26.67 30.17 -2.11
N ASN A 175 -26.68 28.89 -2.44
CA ASN A 175 -25.70 28.33 -3.36
C ASN A 175 -26.18 28.49 -4.79
N ASN A 176 -25.72 29.55 -5.45
CA ASN A 176 -26.02 29.76 -6.86
C ASN A 176 -24.83 29.42 -7.74
N GLU A 177 -24.06 28.44 -7.29
CA GLU A 177 -22.88 28.01 -7.98
C GLU A 177 -23.08 26.64 -8.62
N GLN A 178 -22.05 26.16 -9.30
CA GLN A 178 -22.07 24.89 -10.01
C GLN A 178 -21.43 23.79 -9.17
N PHE A 179 -21.11 24.12 -7.92
CA PHE A 179 -20.41 23.21 -7.03
C PHE A 179 -20.98 23.26 -5.60
N ASP A 180 -20.51 22.33 -4.76
CA ASP A 180 -20.92 22.26 -3.37
C ASP A 180 -20.18 23.30 -2.51
N LYS A 181 -20.84 23.74 -1.45
CA LYS A 181 -20.21 24.63 -0.48
C LYS A 181 -20.14 23.92 0.86
N LEU A 182 -18.99 24.00 1.52
CA LEU A 182 -18.85 23.42 2.85
C LEU A 182 -18.74 24.50 3.90
N TYR A 183 -19.77 24.60 4.75
CA TYR A 183 -19.78 25.58 5.83
C TYR A 183 -19.31 24.98 7.16
N ILE A 184 -18.41 25.70 7.83
CA ILE A 184 -17.94 25.34 9.16
C ILE A 184 -18.34 26.46 10.12
N TRP A 185 -19.00 26.11 11.22
CA TRP A 185 -19.47 27.09 12.20
C TRP A 185 -19.51 26.43 13.58
N GLY A 186 -19.94 27.16 14.60
CA GLY A 186 -19.94 26.62 15.93
C GLY A 186 -20.73 27.35 16.99
N VAL A 187 -20.92 26.69 18.13
CA VAL A 187 -21.67 27.24 19.26
C VAL A 187 -20.73 27.49 20.43
N HIS A 188 -20.90 28.63 21.10
CA HIS A 188 -20.11 28.96 22.29
C HIS A 188 -20.81 28.51 23.57
N HIS A 189 -20.08 27.80 24.41
CA HIS A 189 -20.56 27.40 25.73
C HIS A 189 -19.79 28.17 26.81
N PRO A 190 -20.33 29.32 27.23
CA PRO A 190 -19.72 30.15 28.28
C PRO A 190 -19.66 29.39 29.61
N GLY A 191 -18.64 29.68 30.42
CA GLY A 191 -18.48 29.03 31.70
C GLY A 191 -19.38 29.60 32.80
N THR A 192 -19.85 30.83 32.60
CA THR A 192 -20.72 31.50 33.57
C THR A 192 -21.89 32.23 32.88
N ASP A 193 -23.05 32.24 33.54
CA ASP A 193 -24.19 33.06 33.11
C ASP A 193 -23.79 34.52 33.01
N LYS A 194 -22.87 34.94 33.87
CA LYS A 194 -22.26 36.27 33.79
C LYS A 194 -21.74 36.54 32.39
N ASP A 195 -20.91 35.61 31.91
CA ASP A 195 -20.30 35.72 30.58
C ASP A 195 -21.34 35.67 29.47
N GLN A 196 -22.34 34.81 29.64
CA GLN A 196 -23.45 34.71 28.69
C GLN A 196 -24.10 36.08 28.49
N ILE A 197 -24.44 36.72 29.60
CA ILE A 197 -25.01 38.06 29.58
C ILE A 197 -24.03 39.09 29.01
N PHE A 198 -22.81 39.10 29.56
CA PHE A 198 -21.76 40.02 29.12
C PHE A 198 -21.55 39.99 27.61
N LEU A 199 -21.63 38.79 27.04
CA LEU A 199 -21.30 38.59 25.65
C LEU A 199 -22.49 38.73 24.70
N TYR A 200 -23.65 38.25 25.13
CA TYR A 200 -24.80 38.07 24.24
C TYR A 200 -26.08 38.73 24.74
N ALA A 201 -25.95 39.61 25.73
CA ALA A 201 -27.09 40.23 26.40
C ALA A 201 -28.00 39.20 27.07
N GLN A 202 -28.77 38.45 26.29
CA GLN A 202 -29.75 37.49 26.83
C GLN A 202 -29.15 36.38 27.70
N SER A 203 -30.02 35.74 28.48
CA SER A 203 -29.64 34.71 29.43
C SER A 203 -29.50 33.35 28.76
N SER A 204 -30.33 33.11 27.76
CA SER A 204 -30.41 31.82 27.10
C SER A 204 -29.34 31.65 26.03
N GLY A 205 -29.80 31.49 24.80
CA GLY A 205 -28.92 31.21 23.67
C GLY A 205 -29.53 30.09 22.86
N ARG A 206 -29.48 30.22 21.54
CA ARG A 206 -30.01 29.19 20.64
C ARG A 206 -29.51 29.40 19.23
N ILE A 207 -29.11 28.30 18.58
CA ILE A 207 -28.63 28.34 17.20
C ILE A 207 -29.38 27.32 16.35
N THR A 208 -29.81 27.73 15.16
CA THR A 208 -30.48 26.84 14.23
C THR A 208 -30.09 27.19 12.79
N VAL A 209 -29.33 26.29 12.17
CA VAL A 209 -28.94 26.47 10.78
C VAL A 209 -29.52 25.37 9.91
N SER A 210 -30.11 25.80 8.80
CA SER A 210 -30.91 24.89 7.99
C SER A 210 -30.59 25.03 6.51
N THR A 211 -31.03 24.02 5.76
CA THR A 211 -31.00 24.05 4.31
C THR A 211 -32.38 23.55 3.93
N LYS A 212 -32.61 23.32 2.64
CA LYS A 212 -33.85 22.72 2.18
C LYS A 212 -33.97 21.24 2.59
N ARG A 213 -32.84 20.61 2.89
CA ARG A 213 -32.84 19.17 3.18
C ARG A 213 -32.26 18.82 4.55
N SER A 214 -32.11 19.80 5.42
CA SER A 214 -31.51 19.54 6.72
C SER A 214 -31.76 20.63 7.74
N GLN A 215 -31.56 20.28 9.01
CA GLN A 215 -31.64 21.23 10.11
C GLN A 215 -30.79 20.71 11.26
N GLN A 216 -29.90 21.56 11.74
CA GLN A 216 -29.13 21.25 12.92
C GLN A 216 -29.47 22.30 13.97
N ALA A 217 -30.07 21.86 15.06
CA ALA A 217 -30.50 22.77 16.12
C ALA A 217 -29.67 22.55 17.37
N VAL A 218 -28.99 23.59 17.82
CA VAL A 218 -28.12 23.47 18.97
C VAL A 218 -28.57 24.40 20.10
N ILE A 219 -28.50 23.87 21.31
CA ILE A 219 -28.80 24.65 22.51
C ILE A 219 -27.53 24.75 23.32
N PRO A 220 -27.03 25.97 23.54
CA PRO A 220 -25.80 26.18 24.31
C PRO A 220 -25.94 25.60 25.71
N ASN A 221 -24.82 25.38 26.37
CA ASN A 221 -24.83 24.86 27.73
C ASN A 221 -23.82 25.61 28.58
N ILE A 222 -24.31 26.55 29.37
CA ILE A 222 -23.47 27.26 30.33
C ILE A 222 -23.01 26.27 31.38
N GLY A 223 -21.75 26.37 31.77
CA GLY A 223 -21.21 25.46 32.77
C GLY A 223 -19.69 25.46 32.76
N SER A 224 -19.12 24.90 33.81
CA SER A 224 -17.67 24.85 33.94
C SER A 224 -17.12 23.53 33.41
N ARG A 225 -16.02 23.62 32.66
CA ARG A 225 -15.26 22.44 32.27
C ARG A 225 -13.83 22.67 32.71
N PRO A 226 -13.07 21.59 32.97
CA PRO A 226 -11.67 21.75 33.39
C PRO A 226 -10.91 22.59 32.38
N ARG A 227 -10.18 23.59 32.88
CA ARG A 227 -9.56 24.59 32.01
C ARG A 227 -8.46 24.04 31.13
N ILE A 228 -8.56 24.36 29.83
CA ILE A 228 -7.48 24.09 28.88
C ILE A 228 -6.81 25.42 28.59
N ARG A 229 -5.48 25.47 28.77
CA ARG A 229 -4.73 26.73 28.83
C ARG A 229 -5.51 27.86 29.50
N ASN A 230 -6.08 27.53 30.66
CA ASN A 230 -6.80 28.47 31.52
C ASN A 230 -8.21 28.87 31.05
N ILE A 231 -8.73 28.23 30.00
CA ILE A 231 -10.10 28.51 29.56
C ILE A 231 -11.06 27.38 29.92
N PRO A 232 -12.14 27.69 30.67
CA PRO A 232 -13.14 26.72 31.08
C PRO A 232 -14.35 26.68 30.14
N SER A 233 -14.48 27.67 29.26
CA SER A 233 -15.55 27.66 28.27
C SER A 233 -15.12 26.81 27.07
N ARG A 234 -16.07 26.43 26.22
CA ARG A 234 -15.75 25.62 25.05
C ARG A 234 -16.54 26.05 23.82
N ILE A 235 -15.97 25.80 22.65
CA ILE A 235 -16.72 25.92 21.41
C ILE A 235 -16.99 24.53 20.88
N SER A 236 -18.22 24.28 20.46
CA SER A 236 -18.55 23.05 19.76
C SER A 236 -18.62 23.38 18.26
N ILE A 237 -17.99 22.53 17.45
CA ILE A 237 -17.88 22.77 16.01
C ILE A 237 -18.84 21.89 15.20
N TYR A 238 -19.46 22.49 14.18
CA TYR A 238 -20.42 21.80 13.33
C TYR A 238 -20.16 22.15 11.88
N TRP A 239 -20.70 21.32 10.97
CA TRP A 239 -20.57 21.58 9.55
C TRP A 239 -21.88 21.29 8.81
N THR A 240 -22.07 21.99 7.68
CA THR A 240 -23.22 21.74 6.82
C THR A 240 -22.84 21.97 5.37
N ILE A 241 -23.33 21.08 4.51
CA ILE A 241 -23.00 21.16 3.09
C ILE A 241 -24.20 21.67 2.33
N VAL A 242 -24.00 22.69 1.52
CA VAL A 242 -25.08 23.26 0.71
C VAL A 242 -24.81 23.06 -0.78
N LYS A 243 -25.74 22.41 -1.45
CA LYS A 243 -25.62 22.10 -2.88
C LYS A 243 -26.22 23.22 -3.75
N PRO A 244 -25.87 23.24 -5.06
CA PRO A 244 -26.45 24.19 -6.01
C PRO A 244 -27.98 24.25 -5.94
N GLY A 245 -28.53 25.45 -5.82
CA GLY A 245 -29.97 25.62 -5.75
C GLY A 245 -30.49 25.60 -4.32
N ASP A 246 -29.65 25.12 -3.41
CA ASP A 246 -30.02 25.09 -2.00
C ASP A 246 -29.59 26.38 -1.31
N ILE A 247 -30.04 26.56 -0.07
CA ILE A 247 -29.78 27.79 0.67
C ILE A 247 -29.38 27.48 2.12
N LEU A 248 -28.39 28.21 2.64
CA LEU A 248 -28.10 28.20 4.07
C LEU A 248 -29.00 29.21 4.78
N LEU A 249 -29.68 28.78 5.84
CA LEU A 249 -30.46 29.69 6.68
C LEU A 249 -29.99 29.55 8.11
N ILE A 250 -29.44 30.63 8.66
CA ILE A 250 -28.99 30.56 10.05
C ILE A 250 -29.73 31.52 10.98
N ASN A 251 -30.48 30.91 11.89
CA ASN A 251 -31.22 31.59 12.94
C ASN A 251 -30.41 31.47 14.21
N SER A 252 -30.36 32.54 15.00
CA SER A 252 -29.64 32.53 16.25
C SER A 252 -30.12 33.63 17.20
N THR A 253 -30.33 33.25 18.45
CA THR A 253 -30.67 34.17 19.53
C THR A 253 -29.57 34.14 20.60
N GLY A 254 -28.40 33.67 20.20
CA GLY A 254 -27.23 33.65 21.08
C GLY A 254 -26.09 32.77 20.62
N ASN A 255 -24.87 33.12 21.05
CA ASN A 255 -23.76 32.18 21.15
C ASN A 255 -23.23 31.61 19.84
N LEU A 256 -23.67 32.18 18.73
CA LEU A 256 -23.29 31.69 17.41
C LEU A 256 -21.91 32.13 16.98
N ILE A 257 -21.03 31.16 16.73
CA ILE A 257 -19.74 31.44 16.11
C ILE A 257 -19.94 31.33 14.59
N ALA A 258 -19.89 32.45 13.89
CA ALA A 258 -20.28 32.52 12.49
C ALA A 258 -19.18 32.18 11.48
N PRO A 259 -19.57 31.54 10.38
CA PRO A 259 -18.64 31.28 9.26
C PRO A 259 -18.34 32.60 8.54
N ARG A 260 -17.19 32.68 7.87
CA ARG A 260 -16.86 33.88 7.09
C ARG A 260 -17.01 33.59 5.61
N GLY A 261 -17.39 32.35 5.31
CA GLY A 261 -17.61 31.90 3.94
C GLY A 261 -17.70 30.38 3.90
N TYR A 262 -17.30 29.80 2.78
CA TYR A 262 -17.37 28.35 2.59
C TYR A 262 -16.05 27.78 2.10
N PHE A 263 -15.85 26.49 2.35
CA PHE A 263 -14.75 25.76 1.75
C PHE A 263 -15.24 25.05 0.52
N LYS A 264 -14.45 25.11 -0.56
CA LYS A 264 -14.71 24.26 -1.69
C LYS A 264 -14.49 22.84 -1.22
N ILE A 265 -15.35 21.95 -1.67
CA ILE A 265 -15.21 20.54 -1.35
C ILE A 265 -15.13 19.76 -2.64
N ARG A 266 -14.11 18.90 -2.74
CA ARG A 266 -13.87 18.14 -3.95
C ARG A 266 -13.95 16.65 -3.67
N SER A 267 -13.93 15.87 -4.75
CA SER A 267 -13.79 14.44 -4.67
C SER A 267 -12.55 14.08 -5.46
N GLY A 268 -11.69 13.27 -4.87
CA GLY A 268 -10.49 12.84 -5.54
C GLY A 268 -9.75 11.77 -4.76
N LYS A 269 -8.43 11.73 -4.96
CA LYS A 269 -7.60 10.70 -4.37
C LYS A 269 -6.88 11.18 -3.11
N SER A 270 -7.34 12.27 -2.52
CA SER A 270 -6.70 12.80 -1.33
C SER A 270 -7.00 12.02 -0.04
N SER A 271 -6.09 12.11 0.94
CA SER A 271 -6.27 11.46 2.23
C SER A 271 -5.37 12.05 3.29
N ILE A 272 -5.28 11.37 4.43
CA ILE A 272 -4.51 11.87 5.58
C ILE A 272 -3.90 10.68 6.31
N MET A 273 -2.72 10.88 6.89
CA MET A 273 -2.00 9.82 7.56
C MET A 273 -1.27 10.33 8.79
N ARG A 274 -1.31 9.56 9.88
CA ARG A 274 -0.54 9.88 11.07
C ARG A 274 0.84 9.27 10.95
N SER A 275 1.86 10.11 11.07
CA SER A 275 3.24 9.63 11.02
C SER A 275 4.18 10.66 11.61
N ASP A 276 5.32 10.18 12.10
CA ASP A 276 6.39 11.03 12.57
C ASP A 276 7.63 10.87 11.69
N ALA A 277 7.47 10.24 10.54
CA ALA A 277 8.57 10.14 9.58
C ALA A 277 8.85 11.49 8.96
N PRO A 278 10.14 11.87 8.88
CA PRO A 278 10.48 13.13 8.22
C PRO A 278 10.20 13.06 6.72
N ILE A 279 9.94 14.20 6.09
CA ILE A 279 9.76 14.25 4.65
C ILE A 279 11.12 14.28 3.98
N GLY A 280 11.33 13.42 3.00
CA GLY A 280 12.57 13.40 2.26
C GLY A 280 12.41 13.89 0.83
N LYS A 281 13.52 14.26 0.20
CA LYS A 281 13.51 14.70 -1.19
C LYS A 281 13.79 13.52 -2.10
N CYS A 282 12.77 12.74 -2.38
CA CYS A 282 12.93 11.54 -3.15
C CYS A 282 11.58 11.17 -3.78
N ASN A 283 11.60 10.16 -4.65
CA ASN A 283 10.39 9.77 -5.38
C ASN A 283 10.05 8.32 -5.03
N SER A 284 8.85 8.09 -4.50
CA SER A 284 8.37 6.74 -4.18
C SER A 284 6.84 6.72 -4.20
N GLU A 285 6.27 5.70 -4.85
CA GLU A 285 4.83 5.63 -5.06
C GLU A 285 4.07 5.28 -3.78
N CYS A 286 4.70 4.46 -2.94
CA CYS A 286 4.00 3.91 -1.77
C CYS A 286 4.51 4.52 -0.48
N ILE A 287 3.57 4.97 0.35
CA ILE A 287 3.85 5.62 1.62
C ILE A 287 3.17 4.85 2.75
N THR A 288 3.91 4.62 3.85
CA THR A 288 3.38 4.04 5.06
C THR A 288 3.76 5.02 6.16
N PRO A 289 3.17 4.88 7.37
CA PRO A 289 3.60 5.80 8.43
C PRO A 289 5.06 5.60 8.88
N ASN A 290 5.68 4.48 8.51
CA ASN A 290 7.08 4.20 8.83
C ASN A 290 8.01 4.90 7.83
N GLY A 291 7.42 5.39 6.74
CA GLY A 291 8.20 5.94 5.63
C GLY A 291 7.73 5.32 4.33
N SER A 292 8.27 5.81 3.21
CA SER A 292 7.98 5.21 1.92
C SER A 292 8.64 3.81 1.79
N ILE A 293 8.00 2.93 1.03
CA ILE A 293 8.52 1.58 0.78
C ILE A 293 8.51 1.31 -0.72
N PRO A 294 9.51 0.56 -1.22
CA PRO A 294 9.50 0.12 -2.61
C PRO A 294 8.23 -0.67 -2.88
N ASN A 295 7.71 -0.64 -4.10
CA ASN A 295 6.51 -1.41 -4.42
C ASN A 295 6.72 -2.45 -5.50
N ASP A 296 7.97 -2.89 -5.68
CA ASP A 296 8.24 -3.98 -6.60
C ASP A 296 7.60 -5.29 -6.14
N LYS A 297 7.57 -5.54 -4.84
CA LYS A 297 7.01 -6.80 -4.34
C LYS A 297 5.49 -6.73 -4.22
N PRO A 298 4.80 -7.88 -4.30
CA PRO A 298 3.33 -7.88 -4.25
C PRO A 298 2.79 -7.77 -2.81
N PHE A 299 3.62 -8.11 -1.82
CA PHE A 299 3.18 -8.06 -0.43
C PHE A 299 4.17 -7.27 0.42
N GLN A 300 3.73 -6.88 1.61
CA GLN A 300 4.57 -6.10 2.53
C GLN A 300 4.10 -6.35 3.94
N ASN A 301 5.04 -6.21 4.86
CA ASN A 301 4.81 -6.49 6.26
C ASN A 301 5.09 -5.25 7.10
N VAL A 302 5.25 -4.10 6.46
CA VAL A 302 5.66 -2.88 7.15
C VAL A 302 4.55 -2.24 7.98
N ASN A 303 3.39 -2.04 7.36
CA ASN A 303 2.27 -1.35 8.03
C ASN A 303 0.99 -1.61 7.26
N ARG A 304 -0.09 -1.91 7.96
CA ARG A 304 -1.40 -2.07 7.34
C ARG A 304 -1.93 -0.73 6.80
N ILE A 305 -1.41 0.37 7.32
CA ILE A 305 -1.78 1.71 6.82
C ILE A 305 -0.87 2.10 5.65
N THR A 306 -1.46 2.32 4.48
CA THR A 306 -0.67 2.66 3.30
C THR A 306 -1.41 3.70 2.48
N TYR A 307 -0.67 4.33 1.56
CA TYR A 307 -1.24 5.29 0.62
C TYR A 307 -0.45 5.17 -0.67
N GLY A 308 -1.14 5.06 -1.80
CA GLY A 308 -0.49 5.00 -3.10
C GLY A 308 -0.50 3.60 -3.67
N ALA A 309 0.33 3.38 -4.69
CA ALA A 309 0.46 2.08 -5.31
C ALA A 309 1.33 1.21 -4.41
N CYS A 310 0.69 0.38 -3.60
CA CYS A 310 1.38 -0.33 -2.52
C CYS A 310 1.24 -1.84 -2.61
N PRO A 311 2.26 -2.58 -2.12
CA PRO A 311 2.07 -4.02 -2.00
C PRO A 311 1.01 -4.24 -0.95
N ARG A 312 0.36 -5.40 -0.95
CA ARG A 312 -0.68 -5.67 0.03
C ARG A 312 -0.09 -6.11 1.37
N TYR A 313 -0.67 -5.62 2.45
CA TYR A 313 -0.22 -5.98 3.78
C TYR A 313 -0.60 -7.43 4.12
N VAL A 314 0.40 -8.22 4.51
CA VAL A 314 0.16 -9.58 5.00
C VAL A 314 0.88 -9.78 6.34
N LYS A 315 0.52 -10.84 7.06
CA LYS A 315 1.11 -11.16 8.36
C LYS A 315 2.51 -11.76 8.31
N GLN A 316 2.79 -12.55 7.27
CA GLN A 316 4.10 -13.19 7.16
C GLN A 316 5.23 -12.17 7.07
N SER A 317 6.40 -12.53 7.58
CA SER A 317 7.55 -11.64 7.52
C SER A 317 8.41 -11.94 6.29
N THR A 318 8.18 -13.12 5.70
CA THR A 318 8.94 -13.55 4.53
C THR A 318 8.12 -14.59 3.76
N LEU A 319 8.19 -14.52 2.43
CA LEU A 319 7.60 -15.56 1.56
C LEU A 319 8.49 -15.69 0.34
N LYS A 320 9.20 -16.80 0.21
CA LYS A 320 10.13 -16.95 -0.89
C LYS A 320 9.52 -17.71 -2.05
N LEU A 321 9.57 -17.07 -3.23
CA LEU A 321 9.10 -17.68 -4.46
C LEU A 321 10.28 -18.31 -5.18
N ALA A 322 10.23 -19.61 -5.42
CA ALA A 322 11.31 -20.28 -6.14
C ALA A 322 11.42 -19.72 -7.55
N THR A 323 12.65 -19.43 -7.97
CA THR A 323 12.92 -18.95 -9.32
C THR A 323 13.95 -19.87 -9.97
N GLY A 324 14.10 -21.07 -9.42
CA GLY A 324 15.02 -22.07 -9.96
C GLY A 324 14.58 -23.47 -9.60
N MET A 325 15.22 -24.49 -10.18
CA MET A 325 14.87 -25.88 -9.90
C MET A 325 15.31 -26.31 -8.51
N ARG A 326 14.87 -27.50 -8.11
CA ARG A 326 15.37 -28.10 -6.89
C ARG A 326 16.91 -28.22 -6.92
N ASN A 327 17.55 -27.88 -5.81
CA ASN A 327 19.00 -27.93 -5.73
C ASN A 327 19.46 -29.29 -5.21
N VAL A 328 20.19 -30.03 -6.03
CA VAL A 328 20.61 -31.38 -5.61
C VAL A 328 22.11 -31.44 -5.74
N PRO A 329 22.82 -31.12 -4.64
CA PRO A 329 24.28 -31.05 -4.69
C PRO A 329 24.93 -32.40 -4.42
N GLU A 330 26.22 -32.48 -4.76
CA GLU A 330 27.20 -33.47 -4.27
C GLU A 330 28.37 -33.50 -5.22
N GLY A 335 10.33 -34.13 -7.93
CA GLY A 335 9.39 -33.74 -8.98
C GLY A 335 8.52 -34.91 -9.43
N ILE A 336 7.44 -34.59 -10.12
CA ILE A 336 6.48 -35.60 -10.55
C ILE A 336 6.99 -36.47 -11.68
N PHE A 337 8.02 -36.02 -12.39
CA PHE A 337 8.57 -36.83 -13.49
C PHE A 337 9.72 -37.73 -13.05
N GLY A 338 10.31 -37.43 -11.90
CA GLY A 338 11.28 -38.33 -11.31
C GLY A 338 12.66 -38.21 -11.92
N ALA A 339 12.92 -37.10 -12.61
CA ALA A 339 14.23 -36.89 -13.19
C ALA A 339 15.13 -36.14 -12.19
N ILE A 340 14.85 -34.87 -11.92
CA ILE A 340 15.61 -34.10 -10.95
C ILE A 340 15.38 -34.66 -9.54
N ALA A 341 16.45 -34.93 -8.78
CA ALA A 341 16.35 -35.59 -7.46
C ALA A 341 15.69 -36.97 -7.54
N GLY A 342 15.73 -37.55 -8.75
CA GLY A 342 15.19 -38.87 -9.01
C GLY A 342 16.24 -39.73 -9.70
N PHE A 343 15.97 -40.20 -10.91
CA PHE A 343 16.95 -41.06 -11.60
C PHE A 343 18.26 -40.33 -11.96
N ILE A 344 18.25 -39.01 -12.00
CA ILE A 344 19.49 -38.26 -12.07
C ILE A 344 19.93 -38.01 -10.64
N GLU A 345 21.07 -38.59 -10.24
CA GLU A 345 21.42 -38.60 -8.81
C GLU A 345 21.66 -37.21 -8.19
N ASN A 346 22.36 -36.35 -8.92
CA ASN A 346 22.57 -34.98 -8.45
C ASN A 346 22.83 -34.02 -9.59
N GLY A 347 22.90 -32.74 -9.27
CA GLY A 347 23.14 -31.71 -10.26
C GLY A 347 24.62 -31.43 -10.41
N TRP A 348 24.96 -30.61 -11.40
CA TRP A 348 26.35 -30.32 -11.71
C TRP A 348 26.68 -28.89 -11.33
N GLU A 349 27.53 -28.71 -10.32
CA GLU A 349 27.89 -27.35 -9.90
C GLU A 349 28.80 -26.71 -10.93
N GLY A 350 29.52 -27.54 -11.67
CA GLY A 350 30.42 -27.05 -12.70
C GLY A 350 29.75 -26.57 -13.97
N MET A 351 28.41 -26.66 -14.02
CA MET A 351 27.69 -26.13 -15.18
C MET A 351 27.09 -24.76 -14.86
N VAL A 352 27.75 -23.72 -15.36
CA VAL A 352 27.43 -22.34 -14.98
C VAL A 352 26.94 -21.54 -16.18
N ASP A 353 26.74 -22.20 -17.31
CA ASP A 353 26.32 -21.53 -18.54
C ASP A 353 24.96 -22.01 -19.03
N GLY A 354 24.32 -22.85 -18.23
CA GLY A 354 22.98 -23.30 -18.53
C GLY A 354 22.40 -24.09 -17.37
N TRP A 355 21.10 -24.38 -17.46
CA TRP A 355 20.41 -25.09 -16.40
C TRP A 355 20.40 -26.58 -16.65
N TYR A 356 20.39 -26.96 -17.92
CA TYR A 356 20.34 -28.36 -18.35
C TYR A 356 21.46 -28.53 -19.37
N GLY A 357 21.99 -29.74 -19.51
CA GLY A 357 23.10 -29.96 -20.43
C GLY A 357 23.52 -31.40 -20.63
N PHE A 358 24.66 -31.56 -21.31
CA PHE A 358 25.22 -32.84 -21.70
C PHE A 358 26.62 -33.00 -21.15
N ARG A 359 26.90 -34.18 -20.59
CA ARG A 359 28.28 -34.59 -20.35
C ARG A 359 28.52 -35.84 -21.14
N HIS A 360 29.69 -35.95 -21.74
CA HIS A 360 30.02 -37.10 -22.56
C HIS A 360 31.38 -37.64 -22.21
N GLN A 361 31.61 -38.90 -22.55
CA GLN A 361 32.94 -39.47 -22.55
C GLN A 361 33.13 -40.26 -23.83
N ASN A 362 34.20 -39.97 -24.56
CA ASN A 362 34.49 -40.66 -25.80
C ASN A 362 36.01 -40.86 -25.96
N SER A 363 36.43 -41.26 -27.16
CA SER A 363 37.84 -41.47 -27.46
C SER A 363 38.69 -40.21 -27.31
N GLU A 364 38.08 -39.04 -27.53
CA GLU A 364 38.79 -37.77 -27.46
C GLU A 364 38.78 -37.12 -26.06
N GLY A 365 38.14 -37.76 -25.08
CA GLY A 365 38.09 -37.22 -23.73
C GLY A 365 36.71 -37.09 -23.09
N ARG A 366 36.58 -36.19 -22.13
CA ARG A 366 35.33 -35.93 -21.41
C ARG A 366 34.96 -34.47 -21.49
N GLY A 367 33.71 -34.16 -21.85
CA GLY A 367 33.29 -32.78 -22.00
C GLY A 367 31.92 -32.50 -21.41
N GLN A 368 31.58 -31.20 -21.34
CA GLN A 368 30.31 -30.74 -20.81
C GLN A 368 29.84 -29.57 -21.67
N ALA A 369 28.57 -29.58 -22.06
CA ALA A 369 27.99 -28.48 -22.84
C ALA A 369 26.56 -28.21 -22.38
N ALA A 370 26.21 -26.93 -22.22
CA ALA A 370 24.86 -26.55 -21.83
C ALA A 370 23.90 -26.69 -23.02
N ASP A 371 22.66 -27.08 -22.75
CA ASP A 371 21.58 -27.04 -23.75
C ASP A 371 20.81 -25.73 -23.52
N LEU A 372 20.83 -24.85 -24.51
CA LEU A 372 20.21 -23.52 -24.37
C LEU A 372 18.68 -23.56 -24.43
N LYS A 373 18.14 -24.38 -25.34
CA LYS A 373 16.71 -24.38 -25.59
C LYS A 373 15.90 -24.84 -24.36
N SER A 374 16.32 -25.94 -23.74
CA SER A 374 15.68 -26.39 -22.52
C SER A 374 15.88 -25.39 -21.38
N THR A 375 17.10 -24.84 -21.25
CA THR A 375 17.38 -23.80 -20.28
C THR A 375 16.44 -22.59 -20.46
N GLN A 376 16.34 -22.11 -21.69
CA GLN A 376 15.48 -20.96 -21.98
C GLN A 376 14.00 -21.26 -21.73
N ALA A 377 13.59 -22.48 -22.04
CA ALA A 377 12.20 -22.88 -21.83
C ALA A 377 11.78 -22.80 -20.36
N ALA A 378 12.64 -23.25 -19.46
CA ALA A 378 12.32 -23.15 -18.03
C ALA A 378 12.34 -21.70 -17.56
N ILE A 379 13.38 -20.97 -17.95
CA ILE A 379 13.54 -19.55 -17.60
C ILE A 379 12.35 -18.71 -18.05
N ASP A 380 11.87 -18.94 -19.28
CA ASP A 380 10.70 -18.21 -19.76
C ASP A 380 9.43 -18.46 -18.91
N GLN A 381 9.23 -19.69 -18.47
CA GLN A 381 8.04 -20.00 -17.67
C GLN A 381 8.14 -19.34 -16.30
N ILE A 382 9.34 -19.38 -15.73
CA ILE A 382 9.59 -18.75 -14.44
C ILE A 382 9.44 -17.23 -14.56
N ASN A 383 9.97 -16.64 -15.63
CA ASN A 383 9.75 -15.19 -15.84
C ASN A 383 8.29 -14.88 -16.08
N GLY A 384 7.52 -15.84 -16.58
CA GLY A 384 6.08 -15.65 -16.75
C GLY A 384 5.38 -15.47 -15.42
N LYS A 385 5.80 -16.27 -14.44
CA LYS A 385 5.24 -16.17 -13.08
C LYS A 385 5.65 -14.86 -12.46
N LEU A 386 6.93 -14.51 -12.60
CA LEU A 386 7.44 -13.26 -12.05
C LEU A 386 6.70 -12.06 -12.62
N ASN A 387 6.39 -12.10 -13.92
CA ASN A 387 5.68 -11.03 -14.57
C ASN A 387 4.28 -10.78 -14.00
N ARG A 388 3.63 -11.85 -13.52
CA ARG A 388 2.31 -11.77 -12.91
C ARG A 388 2.38 -11.22 -11.49
N LEU A 389 3.54 -11.36 -10.85
CA LEU A 389 3.69 -11.08 -9.42
C LEU A 389 4.44 -9.79 -9.11
N ILE A 390 5.43 -9.45 -9.92
CA ILE A 390 6.33 -8.33 -9.64
C ILE A 390 5.89 -7.03 -10.33
N GLY A 391 5.86 -5.95 -9.56
CA GLY A 391 5.50 -4.63 -10.08
C GLY A 391 4.08 -4.48 -10.60
N LYS A 392 3.12 -5.15 -9.97
CA LYS A 392 1.72 -5.09 -10.40
C LYS A 392 0.79 -4.58 -9.31
N THR A 393 1.32 -3.80 -8.39
CA THR A 393 0.55 -3.39 -7.21
C THR A 393 -0.61 -2.47 -7.56
N ASN A 394 -1.55 -2.35 -6.63
CA ASN A 394 -2.76 -1.56 -6.87
C ASN A 394 -2.92 -0.36 -5.93
N GLU A 395 -3.46 0.72 -6.50
CA GLU A 395 -3.59 2.01 -5.84
C GLU A 395 -4.77 2.10 -4.91
N LYS A 396 -4.49 2.44 -3.65
CA LYS A 396 -5.54 2.77 -2.70
C LYS A 396 -5.20 4.15 -2.13
N PHE A 397 -6.23 4.96 -1.90
CA PHE A 397 -6.03 6.30 -1.34
C PHE A 397 -6.72 6.42 0.01
N HIS A 398 -7.79 7.19 0.11
CA HIS A 398 -8.50 7.29 1.38
C HIS A 398 -9.21 6.00 1.77
N GLN A 399 -8.91 5.50 2.96
CA GLN A 399 -9.52 4.26 3.42
C GLN A 399 -10.22 4.51 4.76
N ILE A 400 -10.10 3.57 5.68
CA ILE A 400 -10.63 3.75 7.03
C ILE A 400 -9.45 3.88 7.99
N GLU A 401 -9.72 4.36 9.20
CA GLU A 401 -8.68 4.42 10.24
C GLU A 401 -8.42 3.01 10.78
N LYS A 402 -7.18 2.74 11.19
CA LYS A 402 -6.77 1.39 11.55
C LYS A 402 -5.99 1.33 12.86
N GLU A 403 -5.78 2.49 13.47
CA GLU A 403 -5.20 2.61 14.81
C GLU A 403 -6.05 3.63 15.54
N PHE A 404 -6.25 3.44 16.83
CA PHE A 404 -7.19 4.26 17.59
C PHE A 404 -6.64 4.67 18.96
N SER A 405 -6.85 5.93 19.33
CA SER A 405 -6.34 6.46 20.59
C SER A 405 -7.35 6.31 21.76
N GLU A 406 -8.63 6.22 21.43
CA GLU A 406 -9.68 6.08 22.46
C GLU A 406 -10.57 4.85 22.27
N VAL A 407 -11.09 4.33 23.39
CA VAL A 407 -12.13 3.30 23.38
C VAL A 407 -13.44 3.91 22.90
N GLU A 408 -14.08 3.28 21.91
CA GLU A 408 -15.34 3.79 21.37
C GLU A 408 -16.41 2.69 21.31
N GLY A 409 -15.99 1.44 21.31
CA GLY A 409 -16.94 0.34 21.28
C GLY A 409 -17.34 -0.10 19.88
N ARG A 410 -18.65 -0.23 19.68
CA ARG A 410 -19.23 -0.88 18.51
C ARG A 410 -18.61 -0.58 17.15
N ILE A 411 -18.60 0.70 16.76
CA ILE A 411 -18.12 1.08 15.45
C ILE A 411 -16.63 0.77 15.29
N GLN A 412 -15.87 1.01 16.36
CA GLN A 412 -14.46 0.69 16.36
C GLN A 412 -14.23 -0.83 16.24
N ASP A 413 -15.07 -1.62 16.92
CA ASP A 413 -15.01 -3.08 16.81
C ASP A 413 -15.19 -3.49 15.35
N LEU A 414 -16.14 -2.85 14.67
CA LEU A 414 -16.46 -3.18 13.29
C LEU A 414 -15.28 -2.82 12.37
N GLU A 415 -14.76 -1.60 12.51
CA GLU A 415 -13.60 -1.16 11.72
C GLU A 415 -12.38 -2.09 11.91
N LYS A 416 -12.14 -2.53 13.14
CA LYS A 416 -11.01 -3.40 13.42
C LYS A 416 -11.23 -4.79 12.86
N TYR A 417 -12.48 -5.25 12.96
CA TYR A 417 -12.86 -6.57 12.47
C TYR A 417 -12.70 -6.63 10.97
N VAL A 418 -13.07 -5.55 10.30
CA VAL A 418 -13.01 -5.50 8.83
C VAL A 418 -11.56 -5.61 8.37
N GLU A 419 -10.68 -4.84 8.99
CA GLU A 419 -9.29 -4.84 8.57
C GLU A 419 -8.62 -6.18 8.90
N ASP A 420 -8.92 -6.74 10.07
CA ASP A 420 -8.36 -8.03 10.48
C ASP A 420 -8.82 -9.18 9.55
N THR A 421 -10.07 -9.10 9.12
CA THR A 421 -10.64 -10.06 8.17
C THR A 421 -9.93 -9.97 6.83
N LYS A 422 -9.80 -8.75 6.32
CA LYS A 422 -9.08 -8.50 5.08
C LYS A 422 -7.65 -9.05 5.11
N ILE A 423 -6.92 -8.73 6.18
CA ILE A 423 -5.52 -9.12 6.30
C ILE A 423 -5.35 -10.64 6.33
N ASP A 424 -6.20 -11.34 7.07
CA ASP A 424 -6.14 -12.80 7.14
C ASP A 424 -6.42 -13.38 5.76
N LEU A 425 -7.30 -12.77 4.99
CA LEU A 425 -7.64 -13.33 3.67
C LEU A 425 -6.51 -13.11 2.67
N TRP A 426 -5.90 -11.93 2.71
CA TRP A 426 -4.70 -11.68 1.90
C TRP A 426 -3.52 -12.53 2.36
N SER A 427 -3.34 -12.72 3.65
CA SER A 427 -2.23 -13.54 4.14
C SER A 427 -2.45 -14.99 3.70
N TYR A 428 -3.70 -15.45 3.70
CA TYR A 428 -4.00 -16.77 3.14
C TYR A 428 -3.65 -16.84 1.65
N ASN A 429 -4.05 -15.82 0.89
CA ASN A 429 -3.77 -15.85 -0.55
C ASN A 429 -2.26 -15.90 -0.82
N ALA A 430 -1.51 -15.08 -0.10
CA ALA A 430 -0.06 -15.05 -0.26
C ALA A 430 0.58 -16.40 0.04
N GLU A 431 0.14 -17.05 1.12
CA GLU A 431 0.74 -18.30 1.56
C GLU A 431 0.46 -19.41 0.54
N LEU A 432 -0.77 -19.44 0.03
CA LEU A 432 -1.16 -20.47 -0.90
C LEU A 432 -0.52 -20.24 -2.25
N LEU A 433 -0.46 -18.98 -2.66
CA LEU A 433 0.12 -18.64 -3.96
C LEU A 433 1.54 -19.19 -4.06
N VAL A 434 2.34 -18.89 -3.06
CA VAL A 434 3.74 -19.27 -3.06
C VAL A 434 3.92 -20.78 -2.98
N ALA A 435 3.10 -21.45 -2.18
CA ALA A 435 3.20 -22.90 -2.06
C ALA A 435 2.83 -23.57 -3.39
N LEU A 436 1.75 -23.12 -4.02
CA LEU A 436 1.33 -23.64 -5.34
C LEU A 436 2.36 -23.34 -6.42
N GLU A 437 2.82 -22.10 -6.47
CA GLU A 437 3.78 -21.69 -7.51
C GLU A 437 5.08 -22.48 -7.38
N ASN A 438 5.52 -22.67 -6.13
CA ASN A 438 6.78 -23.35 -5.88
C ASN A 438 6.69 -24.83 -6.23
N GLN A 439 5.58 -25.48 -5.86
CA GLN A 439 5.37 -26.87 -6.26
C GLN A 439 5.41 -26.95 -7.79
N HIS A 440 4.70 -26.04 -8.44
CA HIS A 440 4.66 -26.02 -9.90
C HIS A 440 6.04 -25.70 -10.53
N THR A 441 6.81 -24.81 -9.93
CA THR A 441 8.14 -24.47 -10.48
C THR A 441 9.11 -25.65 -10.39
N ILE A 442 9.05 -26.38 -9.28
CA ILE A 442 9.86 -27.56 -9.11
C ILE A 442 9.42 -28.62 -10.12
N ASP A 443 8.10 -28.78 -10.29
CA ASP A 443 7.59 -29.72 -11.30
C ASP A 443 7.91 -29.35 -12.77
N LEU A 444 7.85 -28.07 -13.14
CA LEU A 444 8.11 -27.70 -14.54
C LEU A 444 9.60 -27.82 -14.87
N THR A 445 10.46 -27.59 -13.90
CA THR A 445 11.90 -27.72 -14.15
C THR A 445 12.30 -29.20 -14.28
N ASP A 446 11.61 -30.07 -13.53
CA ASP A 446 11.81 -31.51 -13.61
C ASP A 446 11.30 -31.96 -14.97
N SER A 447 10.19 -31.39 -15.41
CA SER A 447 9.64 -31.72 -16.72
C SER A 447 10.59 -31.36 -17.87
N GLU A 448 11.17 -30.15 -17.85
CA GLU A 448 12.11 -29.77 -18.91
C GLU A 448 13.31 -30.71 -18.97
N MET A 449 13.78 -31.15 -17.80
CA MET A 449 14.85 -32.13 -17.76
C MET A 449 14.40 -33.42 -18.43
N ASN A 450 13.20 -33.86 -18.08
CA ASN A 450 12.66 -35.09 -18.65
C ASN A 450 12.50 -35.03 -20.17
N LYS A 451 11.99 -33.90 -20.68
CA LYS A 451 11.82 -33.70 -22.12
C LYS A 451 13.13 -33.79 -22.86
N LEU A 452 14.17 -33.19 -22.28
CA LEU A 452 15.48 -33.21 -22.93
C LEU A 452 15.97 -34.66 -23.00
N PHE A 453 15.80 -35.39 -21.91
CA PHE A 453 16.22 -36.79 -21.86
C PHE A 453 15.47 -37.62 -22.88
N GLU A 454 14.15 -37.47 -22.89
CA GLU A 454 13.28 -38.17 -23.83
C GLU A 454 13.62 -37.86 -25.28
N LYS A 455 13.80 -36.58 -25.60
CA LYS A 455 14.17 -36.20 -26.96
C LYS A 455 15.48 -36.85 -27.42
N THR A 456 16.48 -36.81 -26.56
CA THR A 456 17.79 -37.40 -26.85
C THR A 456 17.67 -38.91 -27.05
N LYS A 457 16.92 -39.57 -26.16
CA LYS A 457 16.69 -41.00 -26.29
C LYS A 457 16.13 -41.34 -27.67
N LYS A 458 15.13 -40.58 -28.11
CA LYS A 458 14.53 -40.87 -29.41
C LYS A 458 15.51 -40.65 -30.56
N GLN A 459 16.33 -39.61 -30.45
CA GLN A 459 17.36 -39.33 -31.45
C GLN A 459 18.28 -40.50 -31.70
N LEU A 460 18.64 -41.19 -30.63
CA LEU A 460 19.66 -42.23 -30.70
C LEU A 460 19.11 -43.54 -31.28
N ARG A 461 17.78 -43.66 -31.29
CA ARG A 461 17.10 -44.84 -31.87
C ARG A 461 17.64 -46.15 -31.31
N GLU A 462 18.16 -47.01 -32.19
CA GLU A 462 18.68 -48.30 -31.76
C GLU A 462 20.19 -48.27 -31.48
N ASN A 463 20.76 -47.07 -31.40
CA ASN A 463 22.21 -46.95 -31.33
C ASN A 463 22.75 -46.84 -29.91
N ALA A 464 21.85 -46.83 -28.93
CA ALA A 464 22.24 -46.57 -27.56
C ALA A 464 21.23 -47.18 -26.59
N GLU A 465 21.63 -47.37 -25.33
CA GLU A 465 20.71 -47.84 -24.30
C GLU A 465 20.78 -46.95 -23.07
N ASP A 466 19.66 -46.85 -22.36
CA ASP A 466 19.49 -46.02 -21.17
C ASP A 466 20.06 -46.79 -19.98
N MET A 467 21.11 -46.27 -19.37
CA MET A 467 21.71 -46.92 -18.22
C MET A 467 20.94 -46.67 -16.91
N GLY A 468 19.91 -45.83 -16.95
CA GLY A 468 19.02 -45.67 -15.79
C GLY A 468 19.33 -44.51 -14.83
N ASN A 469 20.42 -43.81 -15.11
CA ASN A 469 20.87 -42.68 -14.29
C ASN A 469 21.02 -41.42 -15.13
N GLY A 470 20.23 -41.32 -16.19
CA GLY A 470 20.35 -40.19 -17.10
C GLY A 470 21.41 -40.35 -18.18
N CYS A 471 22.19 -41.43 -18.11
CA CYS A 471 23.28 -41.63 -19.09
C CYS A 471 22.90 -42.64 -20.16
N PHE A 472 23.36 -42.40 -21.38
CA PHE A 472 23.20 -43.36 -22.46
C PHE A 472 24.54 -44.01 -22.78
N LYS A 473 24.54 -45.33 -22.87
CA LYS A 473 25.69 -46.00 -23.45
C LYS A 473 25.48 -46.01 -24.96
N ILE A 474 26.33 -45.30 -25.68
CA ILE A 474 26.22 -45.24 -27.13
C ILE A 474 27.11 -46.33 -27.75
N TYR A 475 26.51 -47.23 -28.54
CA TYR A 475 27.22 -48.44 -28.95
C TYR A 475 28.01 -48.30 -30.24
N HIS A 476 28.58 -47.13 -30.46
CA HIS A 476 29.48 -46.91 -31.57
C HIS A 476 30.49 -45.82 -31.21
N LYS A 477 31.57 -45.75 -31.98
CA LYS A 477 32.55 -44.69 -31.85
C LYS A 477 31.86 -43.37 -32.11
N CYS A 478 31.97 -42.44 -31.17
CA CYS A 478 31.31 -41.15 -31.31
C CYS A 478 32.27 -40.05 -30.89
N ASP A 479 33.01 -39.51 -31.86
CA ASP A 479 33.96 -38.42 -31.61
C ASP A 479 33.25 -37.10 -31.27
N ASN A 480 34.03 -36.03 -31.11
CA ASN A 480 33.44 -34.76 -30.65
C ASN A 480 32.40 -34.18 -31.62
N ALA A 481 32.68 -34.26 -32.91
CA ALA A 481 31.73 -33.86 -33.95
C ALA A 481 30.45 -34.71 -33.88
N CYS A 482 30.62 -36.01 -33.66
CA CYS A 482 29.47 -36.90 -33.49
C CYS A 482 28.64 -36.49 -32.26
N ILE A 483 29.30 -36.29 -31.12
CA ILE A 483 28.59 -35.85 -29.92
C ILE A 483 27.91 -34.51 -30.19
N GLY A 484 28.66 -33.60 -30.84
CA GLY A 484 28.12 -32.32 -31.24
C GLY A 484 26.86 -32.43 -32.08
N SER A 485 26.86 -33.36 -33.03
CA SER A 485 25.68 -33.59 -33.87
C SER A 485 24.46 -34.03 -33.07
N ILE A 486 24.67 -34.75 -31.97
CA ILE A 486 23.58 -35.16 -31.09
C ILE A 486 23.04 -33.94 -30.35
N ARG A 487 23.95 -33.12 -29.83
CA ARG A 487 23.55 -31.92 -29.11
C ARG A 487 22.80 -30.89 -29.99
N ASN A 488 23.17 -30.74 -31.26
CA ASN A 488 22.40 -29.82 -32.12
C ASN A 488 21.39 -30.45 -33.07
N GLY A 489 20.99 -31.69 -32.78
CA GLY A 489 19.89 -32.32 -33.49
C GLY A 489 20.16 -32.69 -34.94
N THR A 490 21.42 -32.87 -35.32
CA THR A 490 21.74 -33.25 -36.69
C THR A 490 22.27 -34.68 -36.78
N TYR A 491 22.21 -35.40 -35.67
CA TYR A 491 22.70 -36.79 -35.61
C TYR A 491 21.87 -37.68 -36.52
N ASP A 492 22.52 -38.31 -37.48
CA ASP A 492 21.87 -39.29 -38.34
C ASP A 492 22.16 -40.69 -37.83
N HIS A 493 21.13 -41.31 -37.25
CA HIS A 493 21.31 -42.59 -36.60
C HIS A 493 21.59 -43.72 -37.60
N ASP A 494 21.15 -43.55 -38.85
CA ASP A 494 21.35 -44.56 -39.89
C ASP A 494 22.83 -44.80 -40.23
N VAL A 495 23.65 -43.76 -40.09
CA VAL A 495 25.08 -43.86 -40.36
C VAL A 495 25.78 -44.89 -39.45
N TYR A 496 25.34 -44.96 -38.20
CA TYR A 496 26.02 -45.78 -37.18
C TYR A 496 25.27 -47.05 -36.83
N ARG A 497 24.05 -47.17 -37.35
CA ARG A 497 23.14 -48.24 -36.94
C ARG A 497 23.75 -49.64 -37.07
N ASP A 498 24.39 -49.93 -38.21
CA ASP A 498 25.05 -51.23 -38.40
C ASP A 498 26.12 -51.50 -37.34
N GLU A 499 27.00 -50.52 -37.14
CA GLU A 499 28.01 -50.61 -36.09
C GLU A 499 27.36 -50.83 -34.72
N ALA A 500 26.38 -49.99 -34.38
CA ALA A 500 25.71 -50.09 -33.08
C ALA A 500 25.02 -51.43 -32.87
N LEU A 501 24.24 -51.87 -33.85
CA LEU A 501 23.50 -53.14 -33.71
C LEU A 501 24.45 -54.32 -33.46
N ASN A 502 25.57 -54.34 -34.19
CA ASN A 502 26.54 -55.43 -34.00
C ASN A 502 27.17 -55.41 -32.60
N ASN A 503 27.44 -54.22 -32.07
CA ASN A 503 27.98 -54.12 -30.72
C ASN A 503 26.94 -54.48 -29.65
N ARG A 504 25.70 -54.05 -29.86
CA ARG A 504 24.63 -54.30 -28.91
C ARG A 504 24.28 -55.77 -28.81
N PHE A 505 24.11 -56.41 -29.96
CA PHE A 505 23.59 -57.77 -30.01
C PHE A 505 24.66 -58.80 -30.32
N GLN A 506 25.68 -58.84 -29.47
CA GLN A 506 26.77 -59.80 -29.58
C GLN A 506 26.86 -60.60 -28.28
N ILE A 507 27.92 -61.39 -28.14
CA ILE A 507 28.09 -62.25 -26.97
C ILE A 507 29.43 -62.01 -26.26
C1 NAG B . -35.87 34.37 7.36
C2 NAG B . -37.36 34.69 7.53
C3 NAG B . -38.17 33.92 6.50
C4 NAG B . -37.63 34.16 5.10
C5 NAG B . -36.12 33.94 5.02
C6 NAG B . -35.54 34.40 3.71
C7 NAG B . -38.76 35.09 9.51
C8 NAG B . -39.16 34.59 10.87
N2 NAG B . -37.83 34.37 8.87
O3 NAG B . -39.53 34.34 6.57
O4 NAG B . -38.28 33.26 4.21
O5 NAG B . -35.47 34.69 6.06
O6 NAG B . -35.38 35.81 3.73
O7 NAG B . -39.25 36.10 9.02
C1 NAG B . -38.95 34.03 3.18
C2 NAG B . -39.07 33.09 1.98
C3 NAG B . -39.80 33.78 0.84
C4 NAG B . -41.12 34.38 1.33
C5 NAG B . -40.86 35.28 2.53
C6 NAG B . -42.13 35.85 3.13
C7 NAG B . -37.26 31.43 1.84
C8 NAG B . -35.89 31.14 1.31
N2 NAG B . -37.76 32.65 1.55
O3 NAG B . -40.06 32.85 -0.20
O4 NAG B . -41.75 35.12 0.29
O5 NAG B . -40.23 34.51 3.56
O6 NAG B . -41.84 36.97 3.95
O7 NAG B . -37.90 30.61 2.49
C1 NAG C . 24.65 -17.60 -4.55
C2 NAG C . 23.72 -16.40 -4.33
C3 NAG C . 23.82 -15.43 -5.49
C4 NAG C . 25.28 -15.01 -5.71
C5 NAG C . 26.15 -16.25 -5.88
C6 NAG C . 27.62 -15.92 -5.97
C7 NAG C . 21.60 -16.54 -3.09
C8 NAG C . 20.20 -17.06 -3.07
N2 NAG C . 22.34 -16.84 -4.15
O3 NAG C . 23.02 -14.28 -5.23
O4 NAG C . 25.37 -14.18 -6.86
O5 NAG C . 25.99 -17.13 -4.75
O6 NAG C . 28.11 -15.39 -4.75
O7 NAG C . 22.06 -15.86 -2.16
C1 NAG D . 17.63 -15.33 -8.65
C2 NAG D . 18.73 -14.76 -9.55
C3 NAG D . 18.54 -13.25 -9.72
C4 NAG D . 17.15 -12.94 -10.23
C5 NAG D . 16.06 -13.62 -9.39
C6 NAG D . 14.71 -13.56 -10.06
C7 NAG D . 20.95 -15.77 -9.70
C8 NAG D . 22.26 -15.99 -9.01
N2 NAG D . 20.05 -15.06 -9.02
O3 NAG D . 19.51 -12.75 -10.65
O4 NAG D . 16.94 -11.52 -10.20
O5 NAG D . 16.35 -15.02 -9.22
O6 NAG D . 14.73 -14.23 -11.32
O7 NAG D . 20.72 -16.22 -10.83
C1 NAG E . 6.24 23.84 16.51
C2 NAG E . 7.18 24.91 15.98
C3 NAG E . 8.50 24.89 16.76
C4 NAG E . 8.22 25.01 18.25
C5 NAG E . 7.21 23.96 18.70
C6 NAG E . 6.78 24.14 20.14
C7 NAG E . 6.92 25.51 13.62
C8 NAG E . 7.28 25.16 12.20
N2 NAG E . 7.44 24.72 14.56
O3 NAG E . 9.32 25.96 16.32
O4 NAG E . 9.43 24.87 19.00
O5 NAG E . 6.01 24.05 17.91
O6 NAG E . 5.85 23.15 20.55
O7 NAG E . 6.19 26.46 13.88
C1 NAG F . -13.43 42.02 10.85
C2 NAG F . -14.02 43.24 10.15
C3 NAG F . -13.96 43.02 8.63
C4 NAG F . -12.55 42.69 8.19
C5 NAG F . -11.98 41.52 9.01
C6 NAG F . -10.53 41.25 8.71
C7 NAG F . -15.79 44.65 11.09
C8 NAG F . -17.23 44.74 11.48
N2 NAG F . -15.38 43.48 10.58
O3 NAG F . -14.41 44.21 7.97
O4 NAG F . -12.54 42.35 6.81
O5 NAG F . -12.08 41.81 10.41
O6 NAG F . -9.83 40.83 9.88
O7 NAG F . -15.01 45.60 11.24
C1 NAG G . -35.36 32.21 14.84
C2 NAG G . -35.92 32.69 16.18
C3 NAG G . -37.27 33.38 15.98
C4 NAG G . -37.77 33.27 14.53
C5 NAG G . -36.70 33.65 13.50
C6 NAG G . -36.66 35.13 13.20
C7 NAG G . -36.27 31.79 18.43
C8 NAG G . -36.33 30.55 19.27
N2 NAG G . -36.02 31.60 17.13
O3 NAG G . -37.16 34.76 16.34
O4 NAG G . -38.27 31.96 14.27
O5 NAG G . -35.39 33.27 13.92
O6 NAG G . -36.70 35.94 14.37
O7 NAG G . -36.44 32.91 18.90
C1 NAG H . 6.02 0.28 11.29
C2 NAG H . 7.05 -0.75 11.81
C3 NAG H . 6.37 -1.77 12.71
C4 NAG H . 5.60 -1.08 13.83
C5 NAG H . 4.63 -0.06 13.25
C6 NAG H . 3.96 0.77 14.32
C7 NAG H . 8.99 -1.20 10.38
C8 NAG H . 9.51 -1.97 9.20
N2 NAG H . 7.72 -1.43 10.71
O3 NAG H . 7.36 -2.63 13.27
O4 NAG H . 4.88 -2.03 14.59
O5 NAG H . 5.34 0.87 12.40
O6 NAG H . 3.01 1.67 13.76
O7 NAG H . 9.69 -0.40 11.00
C1 NAG I . 25.63 -29.80 -35.32
C2 NAG I . 25.82 -28.48 -36.11
C3 NAG I . 26.92 -28.63 -37.16
C4 NAG I . 28.19 -29.21 -36.55
C5 NAG I . 27.87 -30.50 -35.82
C6 NAG I . 29.08 -31.11 -35.13
C7 NAG I . 23.97 -26.90 -36.46
C8 NAG I . 22.68 -26.65 -37.19
N2 NAG I . 24.57 -28.07 -36.72
O3 NAG I . 27.19 -27.37 -37.74
O4 NAG I . 29.14 -29.46 -37.59
O5 NAG I . 26.90 -30.24 -34.80
O6 NAG I . 29.90 -30.12 -34.53
O7 NAG I . 24.44 -26.09 -35.67
C1 SIA J . -10.55 37.52 26.81
C2 SIA J . -11.36 38.78 27.12
C3 SIA J . -11.37 39.76 25.96
C4 SIA J . -12.39 39.47 24.86
C5 SIA J . -13.73 38.94 25.38
C6 SIA J . -13.54 37.93 26.50
C7 SIA J . -14.87 37.56 27.16
C8 SIA J . -14.69 36.29 27.99
C9 SIA J . -15.95 35.95 28.76
C10 SIA J . -14.96 38.90 23.24
C11 SIA J . -15.66 38.02 22.25
N5 SIA J . -14.44 38.28 24.29
O1A SIA J . -9.59 37.59 26.03
O1B SIA J . -10.89 36.45 27.38
O4 SIA J . -12.63 40.68 24.12
O6 SIA J . -12.67 38.39 27.53
O7 SIA J . -15.28 38.64 28.01
O8 SIA J . -14.34 35.20 27.13
O9 SIA J . -15.59 35.79 30.14
O10 SIA J . -14.90 40.11 23.08
#